data_4PVA
#
_entry.id   4PVA
#
_cell.length_a   72.004
_cell.length_b   72.004
_cell.length_c   61.215
_cell.angle_alpha   90.00
_cell.angle_beta   90.00
_cell.angle_gamma   120.00
#
_symmetry.space_group_name_H-M   'P 31'
#
loop_
_entity.id
_entity.type
_entity.pdbx_description
1 polymer 'GH62 hydrolase'
2 non-polymer GLYCEROL
3 non-polymer 'PHOSPHATE ION'
4 water water
#
_entity_poly.entity_id   1
_entity_poly.type   'polypeptide(L)'
_entity_poly.pdbx_seq_one_letter_code
;(MSE)GSSHHHHHHSSGRENLYFQGSSWKWVSTGPLVFPKNDERNIAGIKDPTAVLINGTYHVFASTAKSEGYN(MSE)V
YFNFTDFAEANNAPFYYLDQAPLGYGYRAAPQVFYFEPHKLWYLVYQNGNAAYSTNPDINDPSKWTAPEVFYPNG(MSE)
PKIIADNIGNGYWVD(MSE)WVVCDDEEDPNKALCHLFSSDDNGHLYRSQTTLAQFPRG(MSE)SEPEIVLQDTQNIYAL
WEAACIYRIKGAEGTQKYLLLVEAIGQEGHRYFRSWTSDRIDGQWIPLADTEANPWAGEANVVFEGQKWTKSISHGEVIR
TLTDQTLTLDLSEPIQFLYQGVDPNAQTEYNALPWRLGLITQ
;
_entity_poly.pdbx_strand_id   A
#
# COMPACT_ATOMS: atom_id res chain seq x y z
N GLU A 15 -10.15 -4.23 23.81
CA GLU A 15 -11.10 -3.60 22.85
C GLU A 15 -10.31 -2.98 21.69
N ASN A 16 -10.98 -2.17 20.87
CA ASN A 16 -10.34 -1.48 19.75
C ASN A 16 -9.89 -0.09 20.07
N LEU A 17 -8.98 -0.06 21.04
CA LEU A 17 -8.49 1.12 21.62
C LEU A 17 -7.71 1.94 20.65
N TYR A 18 -7.20 1.35 19.55
CA TYR A 18 -6.46 2.11 18.56
C TYR A 18 -7.27 2.48 17.32
N PHE A 19 -8.55 2.18 17.30
CA PHE A 19 -9.41 2.76 16.28
C PHE A 19 -9.75 4.14 16.75
N GLN A 20 -9.06 5.15 16.22
CA GLN A 20 -9.02 6.50 16.80
C GLN A 20 -10.05 7.48 16.21
N GLY A 21 -10.96 6.95 15.41
CA GLY A 21 -12.16 7.66 14.99
C GLY A 21 -11.83 8.82 14.10
N SER A 22 -12.02 10.07 14.61
CA SER A 22 -11.56 11.26 13.87
CA SER A 22 -11.53 11.23 13.85
C SER A 22 -10.43 11.97 14.61
N SER A 23 -9.69 11.29 15.48
CA SER A 23 -8.53 11.78 16.19
CA SER A 23 -8.58 11.82 16.27
C SER A 23 -7.36 10.82 16.20
N TRP A 24 -6.81 10.56 15.02
CA TRP A 24 -5.61 9.74 14.90
C TRP A 24 -4.41 10.57 15.28
N LYS A 25 -3.46 9.96 15.96
CA LYS A 25 -2.25 10.66 16.41
CA LYS A 25 -2.25 10.66 16.41
C LYS A 25 -1.08 9.70 16.29
N TRP A 26 0.06 10.24 15.89
CA TRP A 26 1.22 9.43 15.53
C TRP A 26 2.50 10.07 15.98
N VAL A 27 3.50 9.23 16.16
CA VAL A 27 4.89 9.67 16.31
C VAL A 27 5.67 9.05 15.17
N SER A 28 6.46 9.84 14.45
CA SER A 28 7.37 9.34 13.40
C SER A 28 8.78 9.19 13.89
N THR A 29 9.42 8.14 13.39
CA THR A 29 10.86 8.00 13.45
C THR A 29 11.52 9.01 12.50
N GLY A 30 12.84 9.09 12.57
CA GLY A 30 13.59 9.64 11.46
C GLY A 30 13.60 8.68 10.28
N PRO A 31 14.35 8.98 9.24
CA PRO A 31 14.43 8.08 8.11
C PRO A 31 15.10 6.82 8.50
N LEU A 32 14.54 5.68 8.10
CA LEU A 32 15.03 4.38 8.50
C LEU A 32 15.71 3.57 7.41
N VAL A 33 15.34 3.79 6.15
CA VAL A 33 15.90 3.02 5.04
C VAL A 33 16.24 3.92 3.88
N PHE A 34 17.52 3.91 3.51
CA PHE A 34 18.11 4.69 2.44
C PHE A 34 18.49 3.77 1.28
N PRO A 35 18.63 4.32 0.07
CA PRO A 35 19.26 3.56 -0.98
C PRO A 35 20.69 3.16 -0.60
N LYS A 36 21.15 2.06 -1.16
CA LYS A 36 22.51 1.63 -0.91
C LYS A 36 23.44 2.49 -1.75
N ASN A 37 24.67 2.63 -1.27
CA ASN A 37 25.71 3.23 -2.07
C ASN A 37 26.31 2.08 -2.88
N ASP A 38 25.63 1.72 -3.96
CA ASP A 38 26.11 0.68 -4.88
C ASP A 38 25.94 1.14 -6.34
N GLU A 39 26.29 0.27 -7.28
CA GLU A 39 26.31 0.69 -8.69
C GLU A 39 24.96 0.87 -9.32
N ARG A 40 23.90 0.45 -8.64
CA ARG A 40 22.56 0.66 -9.15
C ARG A 40 22.16 2.14 -9.04
N ASN A 41 22.84 2.90 -8.21
CA ASN A 41 22.61 4.34 -8.10
C ASN A 41 21.13 4.67 -7.92
N ILE A 42 20.49 3.96 -7.02
CA ILE A 42 19.09 4.21 -6.71
C ILE A 42 18.92 5.57 -6.02
N ALA A 43 17.94 6.36 -6.46
CA ALA A 43 17.69 7.67 -5.87
C ALA A 43 16.76 7.58 -4.64
N GLY A 44 15.65 6.81 -4.76
CA GLY A 44 14.64 6.71 -3.73
C GLY A 44 14.31 5.26 -3.41
N ILE A 45 14.03 5.01 -2.13
CA ILE A 45 13.39 3.78 -1.70
C ILE A 45 11.97 4.15 -1.31
N LYS A 46 11.03 3.40 -1.90
CA LYS A 46 9.65 3.83 -1.99
C LYS A 46 8.64 2.73 -1.67
N ASP A 47 7.44 3.17 -1.33
CA ASP A 47 6.23 2.37 -1.35
C ASP A 47 6.38 0.99 -0.72
N PRO A 48 6.54 0.95 0.61
CA PRO A 48 6.78 -0.34 1.27
C PRO A 48 5.52 -1.15 1.53
N THR A 49 5.68 -2.45 1.56
CA THR A 49 4.68 -3.37 2.12
C THR A 49 5.45 -4.24 3.11
N ALA A 50 4.82 -4.62 4.22
CA ALA A 50 5.57 -5.29 5.27
C ALA A 50 4.68 -6.15 6.14
N VAL A 51 5.28 -7.25 6.61
CA VAL A 51 4.70 -8.12 7.61
C VAL A 51 5.71 -8.38 8.70
N LEU A 52 5.19 -8.73 9.87
CA LEU A 52 6.03 -9.09 11.02
C LEU A 52 5.67 -10.50 11.38
N ILE A 53 6.67 -11.39 11.38
CA ILE A 53 6.48 -12.84 11.62
C ILE A 53 7.57 -13.27 12.59
N ASN A 54 7.15 -13.67 13.79
CA ASN A 54 8.09 -14.24 14.78
C ASN A 54 9.30 -13.34 15.01
N GLY A 55 9.00 -12.06 15.15
CA GLY A 55 10.00 -11.04 15.47
C GLY A 55 10.81 -10.53 14.30
N THR A 56 10.58 -11.04 13.10
CA THR A 56 11.27 -10.54 11.92
C THR A 56 10.31 -9.77 11.02
N TYR A 57 10.75 -8.56 10.70
CA TYR A 57 10.06 -7.69 9.71
C TYR A 57 10.54 -8.02 8.31
N HIS A 58 9.58 -8.29 7.45
CA HIS A 58 9.82 -8.60 6.05
C HIS A 58 9.24 -7.46 5.21
N VAL A 59 10.10 -6.79 4.46
CA VAL A 59 9.71 -5.60 3.70
C VAL A 59 9.99 -5.77 2.22
N PHE A 60 9.02 -5.37 1.39
CA PHE A 60 9.22 -5.21 -0.04
C PHE A 60 9.03 -3.74 -0.34
N ALA A 61 9.87 -3.17 -1.17
CA ALA A 61 9.84 -1.77 -1.54
C ALA A 61 10.27 -1.59 -2.98
N SER A 62 10.01 -0.43 -3.56
CA SER A 62 10.49 -0.13 -4.88
C SER A 62 11.72 0.69 -4.85
N THR A 63 12.58 0.45 -5.80
CA THR A 63 13.73 1.30 -6.10
C THR A 63 13.31 2.25 -7.21
N ALA A 64 13.69 3.52 -7.08
CA ALA A 64 13.37 4.52 -8.07
C ALA A 64 14.60 5.31 -8.44
N LYS A 65 14.75 5.53 -9.74
CA LYS A 65 15.77 6.44 -10.27
C LYS A 65 15.19 6.92 -11.59
N SER A 66 15.86 7.89 -12.21
CA SER A 66 15.39 8.36 -13.51
C SER A 66 15.30 7.24 -14.55
N GLU A 67 16.19 6.25 -14.45
CA GLU A 67 16.20 5.14 -15.40
C GLU A 67 15.00 4.22 -15.28
N GLY A 68 14.41 4.10 -14.09
CA GLY A 68 13.31 3.20 -13.95
C GLY A 68 13.03 2.76 -12.53
N TYR A 69 12.13 1.77 -12.47
CA TYR A 69 11.63 1.18 -11.22
C TYR A 69 11.81 -0.30 -11.21
N ASN A 70 12.24 -0.82 -10.08
CA ASN A 70 12.17 -2.24 -9.81
C ASN A 70 11.99 -2.41 -8.28
N VAL A 72 12.82 -4.43 -4.26
CA VAL A 72 13.76 -5.06 -3.34
C VAL A 72 13.01 -5.74 -2.22
N TYR A 73 13.60 -6.80 -1.68
CA TYR A 73 13.18 -7.42 -0.46
C TYR A 73 14.29 -7.28 0.58
N PHE A 74 13.93 -7.05 1.83
CA PHE A 74 14.87 -7.12 2.93
C PHE A 74 14.13 -7.46 4.22
N ASN A 75 14.89 -7.90 5.23
CA ASN A 75 14.32 -8.18 6.52
C ASN A 75 15.24 -7.65 7.62
N PHE A 76 14.67 -7.52 8.80
CA PHE A 76 15.39 -7.02 9.97
C PHE A 76 14.57 -7.34 11.20
N THR A 77 15.17 -7.20 12.37
CA THR A 77 14.47 -7.37 13.63
C THR A 77 14.33 -6.08 14.43
N ASP A 78 15.07 -5.08 14.07
CA ASP A 78 15.15 -3.83 14.82
C ASP A 78 15.11 -2.65 13.86
N PHE A 79 14.10 -1.78 14.02
CA PHE A 79 13.94 -0.66 13.12
C PHE A 79 15.19 0.17 12.97
N ALA A 80 15.94 0.34 14.07
CA ALA A 80 17.15 1.15 14.03
C ALA A 80 18.29 0.54 13.25
N GLU A 81 18.17 -0.75 12.95
CA GLU A 81 19.14 -1.51 12.15
C GLU A 81 18.65 -1.83 10.75
N ALA A 82 17.42 -1.40 10.41
CA ALA A 82 16.87 -1.65 9.07
C ALA A 82 17.75 -1.13 7.95
N ASN A 83 18.41 0.01 8.17
CA ASN A 83 19.25 0.62 7.14
C ASN A 83 20.49 -0.21 6.83
N ASN A 84 20.83 -1.13 7.72
CA ASN A 84 21.93 -2.05 7.50
C ASN A 84 21.54 -3.38 6.96
N ALA A 85 20.25 -3.58 6.69
CA ALA A 85 19.77 -4.82 6.12
C ALA A 85 20.23 -4.93 4.67
N PRO A 86 20.81 -6.06 4.27
CA PRO A 86 21.13 -6.22 2.84
C PRO A 86 19.87 -6.25 1.99
N PHE A 87 19.93 -5.66 0.81
CA PHE A 87 18.82 -5.74 -0.11
C PHE A 87 18.96 -6.95 -1.01
N TYR A 88 17.88 -7.69 -1.18
CA TYR A 88 17.80 -8.61 -2.31
C TYR A 88 17.09 -7.89 -3.44
N TYR A 89 17.79 -7.58 -4.52
CA TYR A 89 17.22 -6.93 -5.69
C TYR A 89 16.44 -7.98 -6.48
N LEU A 90 15.14 -7.79 -6.55
CA LEU A 90 14.25 -8.84 -7.03
C LEU A 90 14.36 -9.12 -8.53
N ASP A 91 15.03 -8.23 -9.27
CA ASP A 91 15.38 -8.54 -10.66
C ASP A 91 16.32 -9.74 -10.82
N GLN A 92 16.88 -10.21 -9.71
CA GLN A 92 17.71 -11.44 -9.68
C GLN A 92 16.86 -12.69 -9.56
N ALA A 93 15.60 -12.54 -9.14
CA ALA A 93 14.64 -13.64 -9.13
C ALA A 93 13.99 -13.72 -10.52
N PRO A 94 13.20 -14.78 -10.78
CA PRO A 94 12.44 -14.84 -12.03
C PRO A 94 11.55 -13.61 -12.23
N LEU A 95 11.10 -12.99 -11.12
CA LEU A 95 10.40 -11.70 -11.15
C LEU A 95 11.06 -10.75 -12.16
N GLY A 96 12.39 -10.66 -12.07
CA GLY A 96 13.19 -10.20 -13.20
C GLY A 96 13.31 -8.72 -13.47
N TYR A 97 14.15 -8.42 -14.45
CA TYR A 97 14.35 -7.08 -14.95
C TYR A 97 13.10 -6.58 -15.64
N GLY A 98 12.99 -5.26 -15.70
CA GLY A 98 11.85 -4.62 -16.30
C GLY A 98 11.25 -3.67 -15.30
N TYR A 99 10.18 -3.02 -15.71
CA TYR A 99 9.41 -2.14 -14.84
C TYR A 99 8.54 -2.92 -13.90
N ARG A 100 8.77 -2.74 -12.59
CA ARG A 100 7.86 -3.24 -11.56
C ARG A 100 7.87 -2.24 -10.43
N ALA A 101 6.71 -1.97 -9.84
CA ALA A 101 6.64 -1.00 -8.77
C ALA A 101 5.46 -1.26 -7.87
N ALA A 102 5.55 -0.73 -6.66
CA ALA A 102 4.43 -0.57 -5.72
C ALA A 102 3.80 -1.89 -5.29
N PRO A 103 4.53 -2.68 -4.53
CA PRO A 103 4.05 -3.99 -4.11
C PRO A 103 3.16 -3.97 -2.87
N GLN A 104 2.39 -5.04 -2.72
CA GLN A 104 1.58 -5.39 -1.56
C GLN A 104 1.81 -6.88 -1.35
N VAL A 105 2.18 -7.29 -0.15
CA VAL A 105 2.43 -8.71 0.14
C VAL A 105 1.42 -9.29 1.11
N PHE A 106 0.95 -10.51 0.86
CA PHE A 106 0.09 -11.20 1.79
C PHE A 106 0.17 -12.70 1.51
N TYR A 107 -0.26 -13.49 2.49
CA TYR A 107 -0.29 -14.96 2.39
C TYR A 107 -1.67 -15.40 2.01
N PHE A 108 -1.78 -16.04 0.84
CA PHE A 108 -3.04 -16.52 0.36
C PHE A 108 -3.15 -17.94 0.91
N GLU A 109 -3.80 -18.09 2.05
CA GLU A 109 -3.75 -19.33 2.82
C GLU A 109 -4.29 -20.53 2.03
N PRO A 110 -5.38 -20.37 1.26
CA PRO A 110 -5.84 -21.56 0.52
C PRO A 110 -4.80 -22.13 -0.47
N HIS A 111 -3.83 -21.37 -0.97
CA HIS A 111 -2.78 -21.89 -1.85
C HIS A 111 -1.45 -22.17 -1.18
N LYS A 112 -1.37 -21.84 0.11
CA LYS A 112 -0.10 -21.91 0.83
C LYS A 112 0.99 -21.19 0.06
N LEU A 113 0.64 -20.01 -0.47
CA LEU A 113 1.58 -19.18 -1.22
C LEU A 113 1.48 -17.73 -0.78
N TRP A 114 2.63 -17.11 -0.64
CA TRP A 114 2.69 -15.64 -0.57
C TRP A 114 2.41 -15.11 -1.97
N TYR A 115 1.58 -14.07 -2.05
CA TYR A 115 1.39 -13.26 -3.26
C TYR A 115 2.01 -11.90 -3.05
N LEU A 116 2.72 -11.43 -4.07
CA LEU A 116 3.21 -10.07 -4.18
C LEU A 116 2.43 -9.45 -5.32
N VAL A 117 1.56 -8.49 -5.02
CA VAL A 117 0.73 -7.81 -5.99
C VAL A 117 1.38 -6.47 -6.29
N TYR A 118 1.52 -6.09 -7.53
CA TYR A 118 2.25 -4.89 -7.90
C TYR A 118 1.83 -4.49 -9.31
N GLN A 119 2.45 -3.46 -9.86
CA GLN A 119 2.19 -2.99 -11.19
C GLN A 119 3.37 -3.21 -12.10
N ASN A 120 3.09 -3.57 -13.35
CA ASN A 120 4.14 -3.70 -14.35
C ASN A 120 3.67 -3.11 -15.67
N GLY A 121 2.77 -2.14 -15.63
CA GLY A 121 2.00 -1.73 -16.77
C GLY A 121 0.58 -2.26 -16.70
N ASN A 122 0.36 -3.38 -16.01
CA ASN A 122 -0.95 -3.98 -15.73
C ASN A 122 -0.91 -4.28 -14.25
N ALA A 123 -2.01 -4.78 -13.74
CA ALA A 123 -2.08 -5.34 -12.41
C ALA A 123 -1.46 -6.72 -12.39
N ALA A 124 -0.39 -6.92 -11.66
CA ALA A 124 0.40 -8.11 -11.73
C ALA A 124 0.57 -8.76 -10.38
N TYR A 125 0.96 -10.04 -10.39
CA TYR A 125 1.30 -10.75 -9.18
C TYR A 125 2.43 -11.75 -9.44
N SER A 126 3.18 -12.01 -8.38
CA SER A 126 4.14 -13.10 -8.33
C SER A 126 3.80 -13.91 -7.08
N THR A 127 4.28 -15.15 -7.01
CA THR A 127 4.08 -16.01 -5.87
C THR A 127 5.37 -16.64 -5.35
N ASN A 128 5.32 -17.11 -4.12
CA ASN A 128 6.47 -17.73 -3.47
C ASN A 128 5.95 -18.48 -2.27
N PRO A 129 6.30 -19.76 -2.12
CA PRO A 129 5.87 -20.46 -0.91
C PRO A 129 6.57 -20.04 0.38
N ASP A 130 7.70 -19.36 0.28
CA ASP A 130 8.53 -19.04 1.44
C ASP A 130 9.05 -17.61 1.36
N ILE A 131 8.50 -16.76 2.22
CA ILE A 131 8.86 -15.34 2.21
C ILE A 131 10.33 -15.12 2.50
N ASN A 132 10.98 -16.08 3.15
CA ASN A 132 12.39 -15.97 3.45
C ASN A 132 13.32 -16.27 2.27
N ASP A 133 12.75 -16.73 1.14
CA ASP A 133 13.53 -17.13 -0.02
C ASP A 133 13.25 -16.21 -1.21
N PRO A 134 13.83 -15.00 -1.21
CA PRO A 134 13.48 -14.01 -2.22
C PRO A 134 13.87 -14.36 -3.63
N SER A 135 14.80 -15.30 -3.83
CA SER A 135 15.25 -15.67 -5.16
C SER A 135 14.18 -16.46 -5.91
N LYS A 136 13.11 -16.91 -5.23
CA LYS A 136 12.08 -17.76 -5.82
C LYS A 136 10.83 -17.05 -6.32
N TRP A 137 10.75 -15.73 -6.18
CA TRP A 137 9.56 -15.02 -6.65
C TRP A 137 9.39 -15.20 -8.16
N THR A 138 8.18 -15.57 -8.56
CA THR A 138 7.91 -15.89 -9.98
C THR A 138 7.93 -14.68 -10.91
N ALA A 139 8.13 -14.91 -12.21
CA ALA A 139 7.93 -13.90 -13.23
C ALA A 139 6.46 -13.41 -13.17
N PRO A 140 6.22 -12.14 -13.50
CA PRO A 140 4.83 -11.65 -13.33
C PRO A 140 3.78 -12.34 -14.17
N GLU A 141 2.62 -12.56 -13.59
N GLU A 141 2.61 -12.51 -13.60
CA GLU A 141 1.38 -12.89 -14.32
CA GLU A 141 1.38 -12.83 -14.34
C GLU A 141 0.49 -11.67 -14.12
C GLU A 141 0.34 -11.78 -14.00
N VAL A 142 -0.56 -11.51 -14.93
CA VAL A 142 -1.47 -10.36 -14.80
C VAL A 142 -2.88 -10.78 -14.42
N PHE A 143 -3.56 -9.90 -13.70
CA PHE A 143 -4.95 -10.12 -13.31
C PHE A 143 -5.93 -9.91 -14.46
N TYR A 144 -5.56 -9.10 -15.44
CA TYR A 144 -6.42 -8.77 -16.58
C TYR A 144 -5.73 -9.26 -17.84
N PRO A 145 -5.99 -10.52 -18.23
CA PRO A 145 -5.23 -11.15 -19.34
C PRO A 145 -5.28 -10.38 -20.66
N ASN A 146 -6.33 -9.64 -20.94
CA ASN A 146 -6.42 -8.93 -22.23
C ASN A 146 -5.86 -7.54 -22.17
N GLY A 147 -5.40 -7.07 -21.01
CA GLY A 147 -4.84 -5.72 -20.93
C GLY A 147 -5.69 -4.76 -20.10
N PRO A 149 -8.43 -2.64 -18.73
CA PRO A 149 -9.88 -2.61 -18.92
C PRO A 149 -10.37 -1.34 -19.61
N LYS A 150 -11.44 -1.52 -20.40
CA LYS A 150 -12.08 -0.43 -21.08
C LYS A 150 -12.42 0.75 -20.18
N ILE A 151 -13.00 0.50 -19.00
CA ILE A 151 -13.43 1.60 -18.15
C ILE A 151 -12.24 2.44 -17.70
N ILE A 152 -11.10 1.80 -17.49
CA ILE A 152 -9.90 2.50 -17.05
C ILE A 152 -9.32 3.26 -18.27
N ALA A 153 -9.21 2.63 -19.45
CA ALA A 153 -8.77 3.34 -20.66
C ALA A 153 -9.66 4.54 -21.00
N ASP A 154 -10.95 4.41 -20.74
CA ASP A 154 -11.88 5.50 -21.04
C ASP A 154 -11.80 6.65 -20.09
N ASN A 155 -11.29 6.44 -18.86
CA ASN A 155 -11.33 7.49 -17.84
C ASN A 155 -9.97 7.93 -17.33
N ILE A 156 -8.89 7.34 -17.86
CA ILE A 156 -7.53 7.63 -17.38
C ILE A 156 -7.02 9.00 -17.77
N GLY A 157 -7.50 9.55 -18.88
CA GLY A 157 -6.97 10.84 -19.34
C GLY A 157 -5.45 10.79 -19.50
N ASN A 158 -4.79 11.73 -18.84
CA ASN A 158 -3.34 11.82 -18.88
C ASN A 158 -2.69 11.13 -17.69
N GLY A 159 -3.45 10.29 -17.01
CA GLY A 159 -2.94 9.57 -15.84
C GLY A 159 -2.23 8.29 -16.17
N TYR A 160 -2.14 7.42 -15.19
CA TYR A 160 -1.36 6.20 -15.20
C TYR A 160 -2.07 5.21 -14.30
N TRP A 161 -2.17 3.96 -14.75
CA TRP A 161 -2.88 2.92 -14.03
C TRP A 161 -1.91 2.33 -13.03
N VAL A 162 -2.17 2.54 -11.74
CA VAL A 162 -1.18 2.30 -10.70
C VAL A 162 -1.84 1.82 -9.40
N ASP A 163 -0.99 1.28 -8.52
CA ASP A 163 -1.28 1.10 -7.10
C ASP A 163 -2.35 0.06 -6.85
N TRP A 165 -4.19 -3.19 -5.18
CA TRP A 165 -4.43 -3.67 -3.81
C TRP A 165 -5.48 -4.76 -3.80
N VAL A 166 -5.14 -5.93 -3.26
CA VAL A 166 -6.11 -7.00 -3.07
C VAL A 166 -6.55 -7.10 -1.62
N VAL A 167 -7.84 -7.34 -1.43
CA VAL A 167 -8.39 -7.68 -0.12
C VAL A 167 -9.55 -8.63 -0.31
N CYS A 168 -9.59 -9.67 0.51
CA CYS A 168 -10.61 -10.71 0.41
C CYS A 168 -11.48 -10.71 1.65
N ASP A 169 -12.78 -10.91 1.48
CA ASP A 169 -13.68 -11.04 2.65
C ASP A 169 -13.49 -12.42 3.29
N ASP A 170 -14.08 -12.60 4.47
CA ASP A 170 -13.85 -13.85 5.20
C ASP A 170 -15.10 -14.72 5.21
N GLU A 171 -15.97 -14.56 4.22
CA GLU A 171 -17.16 -15.43 4.09
C GLU A 171 -16.76 -16.89 4.08
N GLU A 172 -17.62 -17.68 4.73
CA GLU A 172 -17.40 -19.10 4.99
C GLU A 172 -17.23 -19.87 3.69
N ASP A 173 -18.11 -19.60 2.75
CA ASP A 173 -18.14 -20.38 1.52
C ASP A 173 -17.15 -19.80 0.48
N PRO A 174 -16.05 -20.51 0.14
CA PRO A 174 -15.03 -19.96 -0.78
C PRO A 174 -15.53 -19.83 -2.19
N ASN A 175 -16.53 -20.63 -2.50
CA ASN A 175 -17.06 -20.64 -3.83
C ASN A 175 -17.85 -19.35 -4.04
N LYS A 176 -18.19 -18.66 -2.94
CA LYS A 176 -18.93 -17.40 -2.89
C LYS A 176 -18.16 -16.15 -2.33
N ALA A 177 -17.31 -16.30 -1.30
CA ALA A 177 -16.43 -15.23 -0.79
C ALA A 177 -15.74 -14.48 -1.90
N LEU A 178 -15.62 -13.16 -1.76
CA LEU A 178 -15.07 -12.30 -2.81
C LEU A 178 -13.66 -11.81 -2.49
N CYS A 179 -12.85 -11.74 -3.53
CA CYS A 179 -11.52 -11.12 -3.55
C CYS A 179 -11.61 -9.91 -4.44
N HIS A 180 -11.23 -8.76 -3.90
CA HIS A 180 -11.38 -7.46 -4.59
C HIS A 180 -10.01 -6.93 -4.92
N LEU A 181 -9.89 -6.32 -6.09
CA LEU A 181 -8.67 -5.72 -6.57
C LEU A 181 -8.98 -4.25 -6.87
N PHE A 182 -8.36 -3.38 -6.09
CA PHE A 182 -8.49 -1.93 -6.23
C PHE A 182 -7.31 -1.37 -6.98
N SER A 183 -7.53 -0.27 -7.70
CA SER A 183 -6.47 0.41 -8.41
C SER A 183 -6.86 1.86 -8.66
N SER A 184 -5.88 2.66 -9.01
CA SER A 184 -6.06 4.10 -9.24
C SER A 184 -5.59 4.45 -10.65
N ASP A 185 -5.93 5.66 -11.10
CA ASP A 185 -5.49 6.12 -12.43
C ASP A 185 -4.76 7.45 -12.40
N ASP A 186 -4.40 7.99 -11.24
CA ASP A 186 -3.84 9.33 -11.18
C ASP A 186 -4.71 10.32 -11.94
N ASN A 187 -5.99 10.07 -11.99
CA ASN A 187 -6.94 10.94 -12.65
C ASN A 187 -8.24 11.03 -11.89
N GLY A 188 -8.18 10.83 -10.59
CA GLY A 188 -9.31 11.07 -9.72
C GLY A 188 -10.28 9.92 -9.54
N HIS A 189 -9.93 8.73 -10.00
CA HIS A 189 -10.80 7.55 -9.85
C HIS A 189 -10.15 6.46 -9.02
N LEU A 190 -11.00 5.76 -8.30
CA LEU A 190 -10.64 4.52 -7.59
C LEU A 190 -11.52 3.42 -8.19
N TYR A 191 -10.86 2.37 -8.68
CA TYR A 191 -11.52 1.26 -9.35
C TYR A 191 -11.49 0.02 -8.48
N ARG A 192 -12.45 -0.88 -8.71
CA ARG A 192 -12.54 -2.15 -8.00
C ARG A 192 -13.08 -3.23 -8.90
N SER A 193 -12.35 -4.34 -8.96
CA SER A 193 -12.81 -5.60 -9.59
C SER A 193 -12.96 -6.66 -8.50
N GLN A 194 -13.60 -7.78 -8.86
CA GLN A 194 -13.74 -8.89 -7.93
C GLN A 194 -13.68 -10.22 -8.66
N THR A 195 -13.38 -11.22 -7.85
CA THR A 195 -13.51 -12.64 -8.25
C THR A 195 -13.79 -13.42 -6.99
N THR A 196 -14.12 -14.71 -7.09
CA THR A 196 -14.35 -15.50 -5.90
C THR A 196 -13.04 -16.02 -5.34
N LEU A 197 -13.06 -16.35 -4.04
CA LEU A 197 -11.88 -16.91 -3.40
C LEU A 197 -11.44 -18.20 -4.14
N ALA A 198 -12.42 -19.02 -4.51
CA ALA A 198 -12.17 -20.28 -5.25
C ALA A 198 -11.45 -20.04 -6.56
N GLN A 199 -11.77 -18.97 -7.28
CA GLN A 199 -11.12 -18.65 -8.56
C GLN A 199 -9.77 -17.93 -8.48
N PHE A 200 -9.58 -17.12 -7.42
CA PHE A 200 -8.42 -16.25 -7.27
C PHE A 200 -7.13 -17.00 -7.60
N PRO A 201 -6.23 -16.44 -8.39
CA PRO A 201 -6.20 -15.06 -8.93
C PRO A 201 -6.93 -14.85 -10.24
N ARG A 202 -7.59 -15.90 -10.76
CA ARG A 202 -8.31 -15.79 -12.02
C ARG A 202 -9.69 -15.16 -11.87
N GLY A 203 -10.22 -14.64 -12.97
CA GLY A 203 -11.60 -14.25 -13.07
C GLY A 203 -11.95 -12.85 -12.61
N SER A 205 -13.31 -9.37 -12.50
CA SER A 205 -14.35 -8.75 -13.29
C SER A 205 -13.90 -7.43 -13.92
N GLU A 206 -14.72 -6.88 -14.81
CA GLU A 206 -14.48 -5.54 -15.31
CA GLU A 206 -14.47 -5.53 -15.31
C GLU A 206 -14.55 -4.61 -14.11
N PRO A 207 -13.64 -3.65 -14.00
CA PRO A 207 -13.70 -2.79 -12.82
C PRO A 207 -14.90 -1.88 -12.83
N GLU A 208 -15.28 -1.46 -11.64
CA GLU A 208 -16.28 -0.40 -11.43
CA GLU A 208 -16.25 -0.36 -11.48
C GLU A 208 -15.56 0.78 -10.76
N ILE A 209 -16.00 1.98 -11.03
CA ILE A 209 -15.52 3.15 -10.30
C ILE A 209 -16.25 3.20 -8.97
N VAL A 210 -15.51 3.10 -7.86
CA VAL A 210 -16.17 3.05 -6.56
C VAL A 210 -16.15 4.42 -5.87
N LEU A 211 -15.15 5.24 -6.13
CA LEU A 211 -15.09 6.63 -5.67
C LEU A 211 -14.41 7.46 -6.72
N GLN A 212 -14.81 8.72 -6.83
CA GLN A 212 -14.15 9.63 -7.73
C GLN A 212 -14.20 11.07 -7.21
N ASP A 213 -13.17 11.84 -7.50
CA ASP A 213 -13.20 13.28 -7.26
C ASP A 213 -12.67 14.00 -8.48
N THR A 214 -13.56 14.18 -9.46
CA THR A 214 -13.22 14.69 -10.76
C THR A 214 -12.80 16.16 -10.70
N GLN A 215 -13.34 16.93 -9.77
CA GLN A 215 -13.01 18.35 -9.71
C GLN A 215 -11.63 18.60 -9.14
N ASN A 216 -11.21 17.77 -8.20
CA ASN A 216 -9.85 17.83 -7.66
C ASN A 216 -9.28 16.42 -7.62
N ILE A 217 -8.60 16.02 -8.68
CA ILE A 217 -8.12 14.64 -8.75
C ILE A 217 -7.11 14.33 -7.65
N TYR A 218 -6.46 15.34 -7.12
CA TYR A 218 -5.47 15.16 -6.09
C TYR A 218 -6.04 14.86 -4.73
N ALA A 219 -7.35 14.99 -4.58
CA ALA A 219 -8.03 14.56 -3.36
C ALA A 219 -8.21 13.04 -3.28
N LEU A 220 -8.06 12.33 -4.40
CA LEU A 220 -8.28 10.88 -4.43
C LEU A 220 -7.21 10.30 -5.34
N TRP A 221 -5.96 10.52 -4.96
CA TRP A 221 -4.85 10.45 -5.90
C TRP A 221 -4.42 9.04 -6.18
N GLU A 222 -3.97 8.30 -5.18
CA GLU A 222 -3.54 6.93 -5.41
C GLU A 222 -3.24 6.27 -4.08
N ALA A 223 -2.59 5.14 -4.14
CA ALA A 223 -2.01 4.46 -2.97
C ALA A 223 -3.09 4.01 -2.00
N ALA A 224 -4.17 3.47 -2.51
CA ALA A 224 -5.24 2.98 -1.64
C ALA A 224 -4.79 1.77 -0.83
N CYS A 225 -5.33 1.71 0.37
CA CYS A 225 -5.26 0.54 1.25
C CYS A 225 -6.65 0.26 1.74
N ILE A 226 -7.08 -1.00 1.73
CA ILE A 226 -8.34 -1.41 2.32
C ILE A 226 -8.05 -2.52 3.30
N TYR A 227 -8.40 -2.28 4.56
CA TYR A 227 -8.13 -3.20 5.69
C TYR A 227 -9.41 -3.61 6.38
N ARG A 228 -9.44 -4.85 6.84
CA ARG A 228 -10.47 -5.29 7.79
C ARG A 228 -10.04 -4.95 9.21
N ILE A 229 -10.97 -4.46 10.00
CA ILE A 229 -10.71 -4.21 11.41
C ILE A 229 -11.22 -5.42 12.19
N LYS A 230 -10.29 -6.13 12.80
CA LYS A 230 -10.62 -7.38 13.52
C LYS A 230 -11.73 -7.14 14.57
N GLY A 231 -12.72 -8.02 14.58
CA GLY A 231 -13.78 -7.93 15.58
C GLY A 231 -14.82 -6.85 15.34
N ALA A 232 -14.68 -6.07 14.26
CA ALA A 232 -15.65 -5.02 13.98
C ALA A 232 -16.68 -5.63 13.06
N GLU A 233 -17.95 -5.56 13.44
CA GLU A 233 -18.99 -6.28 12.74
C GLU A 233 -20.04 -5.38 12.13
N GLY A 234 -19.86 -4.07 12.24
CA GLY A 234 -20.85 -3.11 11.76
C GLY A 234 -20.30 -2.12 10.76
N THR A 235 -20.56 -0.84 11.03
CA THR A 235 -20.25 0.26 10.13
C THR A 235 -18.76 0.60 9.92
N GLN A 236 -17.93 0.08 10.80
CA GLN A 236 -16.52 0.37 10.74
C GLN A 236 -15.74 -0.94 10.61
N LYS A 237 -16.33 -1.91 9.90
CA LYS A 237 -15.69 -3.17 9.66
C LYS A 237 -14.46 -3.02 8.76
N TYR A 238 -14.56 -2.10 7.79
CA TYR A 238 -13.54 -1.86 6.77
C TYR A 238 -13.05 -0.42 6.75
N LEU A 239 -11.73 -0.29 6.66
CA LEU A 239 -11.04 1.00 6.64
C LEU A 239 -10.42 1.17 5.26
N LEU A 240 -10.74 2.27 4.61
CA LEU A 240 -10.13 2.69 3.33
C LEU A 240 -9.23 3.89 3.59
N LEU A 241 -7.99 3.77 3.12
CA LEU A 241 -7.02 4.88 3.11
C LEU A 241 -6.71 5.23 1.67
N VAL A 242 -6.66 6.51 1.35
CA VAL A 242 -6.24 6.97 0.01
C VAL A 242 -5.36 8.17 0.19
N GLU A 243 -4.28 8.23 -0.58
CA GLU A 243 -3.38 9.37 -0.54
C GLU A 243 -3.96 10.56 -1.30
N ALA A 244 -3.79 11.71 -0.71
CA ALA A 244 -4.11 12.98 -1.28
C ALA A 244 -2.89 13.90 -1.29
N ILE A 245 -2.93 14.87 -2.21
CA ILE A 245 -1.86 15.90 -2.29
C ILE A 245 -2.49 17.21 -1.89
N GLY A 246 -1.97 17.82 -0.85
CA GLY A 246 -2.57 19.03 -0.35
C GLY A 246 -1.80 20.21 -0.78
N GLN A 247 -1.75 21.13 0.20
CA GLN A 247 -1.07 22.40 0.12
C GLN A 247 0.39 22.13 0.03
N GLU A 248 1.04 22.84 -0.89
CA GLU A 248 2.46 22.83 -1.08
C GLU A 248 2.94 21.47 -1.52
N GLY A 249 2.02 20.65 -2.03
CA GLY A 249 2.35 19.34 -2.49
C GLY A 249 2.54 18.34 -1.36
N HIS A 250 2.10 18.66 -0.15
CA HIS A 250 2.31 17.72 0.97
C HIS A 250 1.34 16.53 0.85
N ARG A 251 1.92 15.34 0.92
CA ARG A 251 1.11 14.11 0.81
C ARG A 251 0.54 13.73 2.17
N TYR A 252 -0.72 13.32 2.20
CA TYR A 252 -1.35 12.84 3.41
C TYR A 252 -2.35 11.77 3.07
N PHE A 253 -2.82 11.03 4.05
CA PHE A 253 -3.83 10.01 3.84
C PHE A 253 -5.19 10.43 4.38
N ARG A 254 -6.19 10.29 3.53
CA ARG A 254 -7.59 10.39 3.89
C ARG A 254 -8.08 9.00 4.24
N SER A 255 -9.13 8.96 5.06
CA SER A 255 -9.73 7.71 5.49
C SER A 255 -11.25 7.75 5.42
N TRP A 256 -11.81 6.56 5.19
CA TRP A 256 -13.22 6.27 5.14
C TRP A 256 -13.45 4.92 5.82
N THR A 257 -14.70 4.67 6.18
CA THR A 257 -15.11 3.35 6.64
C THR A 257 -16.32 2.87 5.91
N SER A 258 -16.52 1.56 5.98
CA SER A 258 -17.70 0.91 5.44
C SER A 258 -17.98 -0.40 6.15
N ASP A 259 -19.20 -0.89 5.95
CA ASP A 259 -19.61 -2.17 6.48
C ASP A 259 -19.21 -3.33 5.60
N ARG A 260 -18.70 -3.07 4.40
N ARG A 260 -18.72 -3.07 4.39
CA ARG A 260 -18.29 -4.14 3.49
CA ARG A 260 -18.30 -4.12 3.47
C ARG A 260 -17.27 -3.58 2.51
C ARG A 260 -17.29 -3.57 2.48
N ILE A 261 -16.56 -4.45 1.80
CA ILE A 261 -15.50 -3.99 0.88
C ILE A 261 -16.08 -3.28 -0.33
N ASP A 262 -17.19 -3.79 -0.86
CA ASP A 262 -17.91 -3.15 -1.98
CA ASP A 262 -17.91 -3.20 -1.97
C ASP A 262 -19.21 -2.53 -1.48
N GLY A 263 -19.07 -1.55 -0.63
CA GLY A 263 -20.24 -0.86 -0.07
C GLY A 263 -20.06 0.62 -0.20
N GLN A 264 -20.69 1.30 0.73
CA GLN A 264 -20.74 2.76 0.72
C GLN A 264 -19.69 3.27 1.71
N TRP A 265 -18.69 3.94 1.20
CA TRP A 265 -17.64 4.52 2.02
C TRP A 265 -18.12 5.84 2.63
N ILE A 266 -17.86 6.01 3.91
CA ILE A 266 -18.23 7.25 4.61
C ILE A 266 -16.93 7.85 5.14
N PRO A 267 -16.66 9.14 4.91
CA PRO A 267 -15.45 9.73 5.45
C PRO A 267 -15.30 9.53 6.94
N LEU A 268 -14.05 9.29 7.35
CA LEU A 268 -13.67 9.10 8.74
C LEU A 268 -12.86 10.33 9.16
N ALA A 269 -11.59 10.36 8.80
CA ALA A 269 -10.70 11.52 8.98
C ALA A 269 -10.14 11.79 7.61
N ASP A 270 -10.69 12.77 6.90
CA ASP A 270 -10.45 12.89 5.46
C ASP A 270 -10.06 14.29 4.98
N THR A 271 -9.52 15.12 5.87
CA THR A 271 -9.09 16.47 5.49
C THR A 271 -7.60 16.63 5.76
N GLU A 272 -7.00 17.64 5.15
CA GLU A 272 -5.61 17.89 5.39
C GLU A 272 -5.38 18.31 6.84
N ALA A 273 -6.30 19.10 7.39
CA ALA A 273 -6.18 19.52 8.78
C ALA A 273 -6.42 18.41 9.77
N ASN A 274 -7.21 17.40 9.35
CA ASN A 274 -7.48 16.24 10.21
CA ASN A 274 -7.61 16.31 10.17
C ASN A 274 -7.51 15.00 9.35
N PRO A 275 -6.29 14.55 9.02
CA PRO A 275 -6.12 13.42 8.13
C PRO A 275 -6.07 12.14 8.93
N TRP A 276 -6.07 11.02 8.23
CA TRP A 276 -5.72 9.74 8.90
C TRP A 276 -4.26 9.82 9.34
N ALA A 277 -3.37 10.22 8.43
CA ALA A 277 -1.97 10.48 8.77
C ALA A 277 -1.48 11.55 7.84
N GLY A 278 -0.83 12.56 8.39
CA GLY A 278 -0.28 13.63 7.61
C GLY A 278 0.55 14.55 8.50
N GLU A 279 1.12 15.60 7.92
CA GLU A 279 1.88 16.57 8.70
C GLU A 279 1.08 17.05 9.91
N ALA A 280 -0.22 17.22 9.79
CA ALA A 280 -1.04 17.79 10.86
C ALA A 280 -1.08 16.97 12.12
N ASN A 281 -0.94 15.64 12.03
CA ASN A 281 -1.15 14.81 13.22
C ASN A 281 -0.01 13.82 13.45
N VAL A 282 1.13 14.08 12.87
CA VAL A 282 2.32 13.28 13.07
C VAL A 282 3.32 14.14 13.78
N VAL A 283 3.81 13.66 14.93
CA VAL A 283 4.83 14.36 15.70
C VAL A 283 6.17 13.70 15.42
N PHE A 284 7.09 14.47 14.92
CA PHE A 284 8.46 14.04 14.76
C PHE A 284 9.12 14.29 16.09
N GLU A 285 9.14 13.30 16.95
CA GLU A 285 9.74 13.47 18.27
C GLU A 285 11.24 13.59 18.21
N GLY A 286 11.81 13.14 17.11
CA GLY A 286 13.28 13.20 16.90
C GLY A 286 13.58 14.02 15.70
N GLN A 287 14.22 13.39 14.73
CA GLN A 287 14.59 14.05 13.48
C GLN A 287 13.35 14.33 12.60
N LYS A 288 13.20 15.57 12.14
CA LYS A 288 12.04 16.05 11.33
C LYS A 288 12.45 16.30 9.86
N TRP A 289 12.11 15.34 9.00
CA TRP A 289 12.81 15.13 7.72
C TRP A 289 11.87 15.10 6.51
N THR A 290 10.57 15.16 6.74
CA THR A 290 9.59 15.13 5.65
C THR A 290 8.34 15.86 6.10
N LYS A 291 7.67 16.51 5.17
CA LYS A 291 6.33 17.04 5.40
C LYS A 291 5.24 16.20 4.74
N SER A 292 5.67 15.17 4.01
CA SER A 292 4.80 14.24 3.33
C SER A 292 4.81 12.90 4.02
N ILE A 293 3.62 12.33 4.18
CA ILE A 293 3.42 10.95 4.64
C ILE A 293 2.80 10.24 3.44
N SER A 294 3.60 9.47 2.70
CA SER A 294 3.20 8.99 1.37
C SER A 294 3.30 7.49 1.21
N HIS A 295 2.39 6.94 0.40
CA HIS A 295 2.43 5.59 -0.12
C HIS A 295 2.84 4.56 0.90
N GLY A 296 2.18 4.56 2.04
CA GLY A 296 2.55 3.71 3.15
C GLY A 296 1.64 2.49 3.31
N GLU A 297 2.05 1.60 4.20
CA GLU A 297 1.28 0.43 4.54
C GLU A 297 1.45 0.12 5.99
N VAL A 298 0.40 -0.39 6.60
CA VAL A 298 0.47 -0.95 7.96
C VAL A 298 1.30 -2.23 7.99
N ILE A 299 2.17 -2.36 8.95
CA ILE A 299 2.92 -3.60 9.15
C ILE A 299 1.97 -4.62 9.75
N ARG A 300 1.74 -5.71 9.03
CA ARG A 300 0.73 -6.68 9.45
C ARG A 300 1.36 -7.91 10.15
N THR A 301 0.74 -8.33 11.25
CA THR A 301 1.01 -9.62 11.89
C THR A 301 0.00 -10.69 11.52
N LEU A 302 -1.19 -10.29 11.10
CA LEU A 302 -2.21 -11.20 10.60
C LEU A 302 -2.01 -11.12 9.10
N THR A 303 -1.27 -12.07 8.56
CA THR A 303 -0.66 -11.89 7.23
C THR A 303 -1.47 -12.41 6.05
N ASP A 304 -2.67 -12.93 6.30
CA ASP A 304 -3.41 -13.59 5.25
C ASP A 304 -4.18 -12.63 4.34
N GLN A 305 -4.95 -13.16 3.40
CA GLN A 305 -5.55 -12.40 2.33
C GLN A 305 -6.73 -11.55 2.75
N THR A 306 -7.11 -11.63 4.02
CA THR A 306 -8.16 -10.77 4.52
C THR A 306 -7.67 -9.37 4.93
N LEU A 307 -6.36 -9.17 5.00
CA LEU A 307 -5.77 -7.84 5.28
C LEU A 307 -6.38 -7.29 6.57
N THR A 308 -6.36 -8.13 7.60
CA THR A 308 -6.91 -7.81 8.90
C THR A 308 -5.91 -7.13 9.84
N LEU A 309 -6.36 -6.07 10.49
CA LEU A 309 -5.61 -5.35 11.52
C LEU A 309 -6.25 -5.59 12.89
N ASP A 310 -5.40 -5.83 13.88
CA ASP A 310 -5.82 -5.97 15.28
C ASP A 310 -5.63 -4.64 15.98
N LEU A 311 -6.73 -3.91 16.13
CA LEU A 311 -6.64 -2.55 16.71
C LEU A 311 -6.73 -2.52 18.23
N SER A 312 -6.47 -3.66 18.85
CA SER A 312 -6.11 -3.65 20.25
C SER A 312 -4.63 -3.27 20.41
N GLU A 313 -3.89 -3.24 19.31
CA GLU A 313 -2.48 -2.93 19.30
C GLU A 313 -2.23 -1.70 18.44
N PRO A 314 -1.15 -0.93 18.72
CA PRO A 314 -0.91 0.28 17.97
C PRO A 314 -0.51 -0.06 16.55
N ILE A 315 -1.06 0.67 15.60
CA ILE A 315 -0.65 0.54 14.20
C ILE A 315 0.77 1.06 14.03
N GLN A 316 1.53 0.33 13.25
CA GLN A 316 2.79 0.79 12.71
C GLN A 316 2.67 0.89 11.22
N PHE A 317 2.88 2.06 10.68
CA PHE A 317 2.65 2.36 9.25
C PHE A 317 4.01 2.78 8.71
N LEU A 318 4.55 1.97 7.82
CA LEU A 318 5.81 2.28 7.12
CA LEU A 318 5.80 2.25 7.15
C LEU A 318 5.45 3.09 5.92
N TYR A 319 6.16 4.16 5.68
CA TYR A 319 5.81 5.12 4.64
C TYR A 319 7.04 5.68 3.95
N GLN A 320 6.85 6.34 2.81
CA GLN A 320 7.92 7.06 2.13
C GLN A 320 7.80 8.55 2.44
N GLY A 321 8.95 9.15 2.78
CA GLY A 321 9.05 10.58 3.03
C GLY A 321 10.23 11.13 2.27
N VAL A 322 10.27 12.44 2.17
CA VAL A 322 11.30 13.09 1.37
C VAL A 322 11.53 14.47 1.93
N ASP A 323 12.78 14.93 1.83
CA ASP A 323 13.13 16.29 2.22
C ASP A 323 12.28 17.24 1.40
N PRO A 324 11.50 18.14 2.06
CA PRO A 324 10.61 19.03 1.35
C PRO A 324 11.32 20.00 0.44
N ASN A 325 12.63 20.17 0.64
CA ASN A 325 13.42 21.09 -0.16
C ASN A 325 14.16 20.45 -1.32
N ALA A 326 13.98 19.14 -1.50
CA ALA A 326 14.61 18.45 -2.63
C ALA A 326 14.06 18.98 -3.94
N GLN A 327 14.95 19.25 -4.89
CA GLN A 327 14.60 19.79 -6.21
C GLN A 327 15.21 18.88 -7.28
N THR A 328 14.47 17.86 -7.68
CA THR A 328 14.95 16.88 -8.65
C THR A 328 13.84 16.52 -9.63
N GLU A 329 14.19 15.83 -10.70
CA GLU A 329 13.19 15.13 -11.48
C GLU A 329 12.44 14.17 -10.58
N TYR A 330 11.17 13.94 -10.90
CA TYR A 330 10.30 13.23 -9.97
C TYR A 330 10.87 11.86 -9.61
N ASN A 331 11.31 11.09 -10.59
CA ASN A 331 11.78 9.75 -10.27
C ASN A 331 13.16 9.71 -9.64
N ALA A 332 13.81 10.87 -9.53
CA ALA A 332 15.08 11.02 -8.83
C ALA A 332 14.91 11.59 -7.41
N LEU A 333 13.68 11.77 -6.95
CA LEU A 333 13.48 12.29 -5.61
C LEU A 333 14.08 11.38 -4.58
N PRO A 334 14.71 11.97 -3.54
CA PRO A 334 15.39 11.15 -2.53
C PRO A 334 14.43 10.64 -1.43
N TRP A 335 13.47 9.83 -1.83
CA TRP A 335 12.57 9.19 -0.89
C TRP A 335 13.32 8.23 0.02
N ARG A 336 12.93 8.21 1.29
CA ARG A 336 13.43 7.27 2.25
C ARG A 336 12.22 6.64 2.96
N LEU A 337 12.36 5.45 3.52
CA LEU A 337 11.29 4.86 4.34
C LEU A 337 11.39 5.31 5.79
N GLY A 338 10.25 5.59 6.38
CA GLY A 338 10.16 5.86 7.80
C GLY A 338 8.97 5.14 8.38
N LEU A 339 8.79 5.31 9.71
CA LEU A 339 7.75 4.64 10.46
C LEU A 339 6.94 5.64 11.29
N ILE A 340 5.62 5.57 11.23
CA ILE A 340 4.77 6.18 12.26
C ILE A 340 4.11 5.10 13.09
N THR A 341 4.00 5.37 14.38
CA THR A 341 3.42 4.46 15.37
C THR A 341 2.40 5.22 16.19
N GLN A 342 1.27 4.60 16.50
CA GLN A 342 0.30 5.21 17.40
C GLN A 342 0.76 5.17 18.85
#